data_6BVX
#
_entry.id   6BVX
#
_entity_poly.entity_id   1
_entity_poly.type   'polypeptide(L)'
_entity_poly.pdbx_seq_one_letter_code
;CTH(DPN)(MMO)WPICFPDGR
;
_entity_poly.pdbx_strand_id   A
#
# COMPACT_ATOMS: atom_id res chain seq x y z
N CYS A 1 -0.60 -2.79 -2.02
CA CYS A 1 0.02 -1.46 -1.99
C CYS A 1 -0.93 -0.41 -2.55
N THR A 2 -1.07 0.70 -1.84
CA THR A 2 -1.95 1.79 -2.26
C THR A 2 -1.16 2.88 -2.97
N HIS A 3 -1.84 3.65 -3.82
CA HIS A 3 -1.20 4.72 -4.56
C HIS A 3 -2.16 5.90 -4.73
N DPN A 4 -1.77 7.06 -4.20
CA DPN A 4 -2.58 8.27 -4.29
C DPN A 4 -2.67 8.96 -2.94
O DPN A 4 -2.07 10.01 -2.73
CB DPN A 4 -2.01 9.22 -5.33
CG DPN A 4 -1.70 8.55 -6.65
CD1 DPN A 4 -2.72 8.14 -7.49
CD2 DPN A 4 -0.39 8.35 -7.04
CE1 DPN A 4 -2.43 7.52 -8.69
CE2 DPN A 4 -0.10 7.73 -8.24
CZ DPN A 4 -1.12 7.33 -9.07
H DPN A 4 -0.90 7.10 -3.74
HA DPN A 4 -3.57 7.96 -4.59
HB2 DPN A 4 -1.10 9.65 -4.96
HB3 DPN A 4 -2.73 10.01 -5.53
HD1 DPN A 4 -3.75 8.28 -7.19
HD2 DPN A 4 0.41 8.68 -6.39
HE1 DPN A 4 -3.23 7.20 -9.34
HE2 DPN A 4 0.93 7.59 -8.54
HZ DPN A 4 -0.89 6.85 -10.01
N MMO A 5 -3.43 8.37 -2.02
CA MMO A 5 -3.59 8.94 -0.68
C MMO A 5 -3.01 8.01 0.38
O MMO A 5 -3.52 6.91 0.60
CB MMO A 5 -5.07 9.20 -0.40
CG MMO A 5 -5.76 10.06 -1.45
CD MMO A 5 -7.13 10.53 -0.97
NE MMO A 5 -7.78 11.39 -1.95
CZ MMO A 5 -8.90 12.06 -1.72
NH2 MMO A 5 -9.49 11.97 -0.54
NH1 MMO A 5 -9.42 12.83 -2.66
CN MMO A 5 -4.12 7.11 -2.35
HA MMO A 5 -3.06 9.88 -0.65
HCB1 MMO A 5 -5.59 8.25 -0.35
HCB2 MMO A 5 -5.17 9.69 0.56
HCG1 MMO A 5 -5.14 10.92 -1.65
HCG2 MMO A 5 -5.87 9.48 -2.35
HCD1 MMO A 5 -7.75 9.66 -0.81
HCD2 MMO A 5 -7.01 11.07 -0.04
HH21 MMO A 5 -9.09 11.38 0.18
HH22 MMO A 5 -10.34 12.47 -0.35
HH11 MMO A 5 -8.98 12.91 -3.54
HC1 MMO A 5 -4.76 7.27 -3.21
HC2 MMO A 5 -4.71 6.79 -1.50
HC3 MMO A 5 -3.37 6.35 -2.59
HE MMO A 5 -7.35 11.48 -2.83
HH12 MMO A 5 -10.26 13.34 -2.48
N TRP A 6 -1.95 8.46 1.03
CA TRP A 6 -1.29 7.67 2.06
C TRP A 6 -0.86 6.32 1.53
N PRO A 7 0.14 6.33 0.64
CA PRO A 7 0.68 5.11 0.02
C PRO A 7 1.44 4.24 1.03
N ILE A 8 0.98 3.01 1.22
CA ILE A 8 1.63 2.09 2.14
C ILE A 8 1.68 0.68 1.56
N CYS A 9 2.53 -0.16 2.15
CA CYS A 9 2.68 -1.54 1.69
C CYS A 9 2.47 -2.51 2.84
N PHE A 10 1.78 -3.61 2.55
CA PHE A 10 1.50 -4.63 3.57
C PHE A 10 2.34 -5.88 3.32
N PRO A 11 2.50 -6.70 4.37
CA PRO A 11 3.27 -7.94 4.30
C PRO A 11 2.60 -9.01 3.44
N ASP A 12 1.31 -8.82 3.18
CA ASP A 12 0.55 -9.76 2.37
C ASP A 12 0.91 -9.62 0.89
N GLY A 13 1.02 -8.37 0.44
CA GLY A 13 1.36 -8.12 -0.96
C GLY A 13 0.39 -7.15 -1.62
N ARG A 14 0.00 -6.13 -0.87
CA ARG A 14 -0.93 -5.13 -1.40
C ARG A 14 -0.44 -3.71 -1.08
N CYS A 1 0.22 -2.75 -1.79
CA CYS A 1 0.77 -1.42 -1.96
C CYS A 1 -0.24 -0.50 -2.64
N THR A 2 -0.71 0.52 -1.91
CA THR A 2 -1.68 1.46 -2.44
C THR A 2 -0.98 2.64 -3.11
N HIS A 3 -1.78 3.53 -3.70
CA HIS A 3 -1.24 4.70 -4.38
C HIS A 3 -2.32 5.77 -4.55
N DPN A 4 -1.95 7.02 -4.28
CA DPN A 4 -2.88 8.14 -4.39
C DPN A 4 -2.83 9.03 -3.16
O DPN A 4 -2.29 10.14 -3.22
CB DPN A 4 -2.57 8.95 -5.65
CG DPN A 4 -3.37 8.53 -6.85
CD1 DPN A 4 -4.25 9.42 -7.46
CD2 DPN A 4 -3.26 7.25 -7.38
CE1 DPN A 4 -4.99 9.03 -8.57
CE2 DPN A 4 -3.99 6.87 -8.48
CZ DPN A 4 -4.86 7.75 -9.07
H DPN A 4 -1.03 7.20 -3.99
HA DPN A 4 -3.87 7.73 -4.48
HB2 DPN A 4 -1.53 8.84 -5.90
HB3 DPN A 4 -2.79 9.99 -5.46
HD1 DPN A 4 -4.36 10.41 -7.07
HD2 DPN A 4 -2.57 6.55 -6.91
HE1 DPN A 4 -5.67 9.74 -9.03
HE2 DPN A 4 -3.89 5.87 -8.88
HZ DPN A 4 -5.44 7.46 -9.93
N MMO A 5 -3.37 8.54 -2.06
CA MMO A 5 -3.37 9.31 -0.81
C MMO A 5 -2.79 8.47 0.33
O MMO A 5 -3.47 7.60 0.89
CB MMO A 5 -4.80 9.75 -0.47
CG MMO A 5 -5.30 10.89 -1.33
CD MMO A 5 -6.68 11.35 -0.87
NE MMO A 5 -7.31 12.24 -1.84
CZ MMO A 5 -8.33 13.04 -1.57
NH2 MMO A 5 -8.84 13.06 -0.34
NH1 MMO A 5 -8.85 13.82 -2.51
CN MMO A 5 -3.98 7.21 -2.08
HA MMO A 5 -2.76 10.17 -0.95
HCB1 MMO A 5 -5.46 8.90 -0.59
HCB2 MMO A 5 -4.82 10.06 0.57
HCG1 MMO A 5 -4.61 11.71 -1.25
HCG2 MMO A 5 -5.37 10.55 -2.35
HCD1 MMO A 5 -7.31 10.50 -0.72
HCD2 MMO A 5 -6.57 11.89 0.07
HH21 MMO A 5 -8.46 12.48 0.37
HH22 MMO A 5 -9.61 13.66 -0.14
HH11 MMO A 5 -8.47 13.79 -3.44
HC1 MMO A 5 -4.77 7.19 -2.84
HC2 MMO A 5 -4.41 6.98 -1.11
HC3 MMO A 5 -3.22 6.46 -2.33
HE MMO A 5 -6.94 12.24 -2.75
HH12 MMO A 5 -9.62 14.41 -2.30
N TRP A 6 -1.54 8.74 0.67
CA TRP A 6 -0.87 8.02 1.75
C TRP A 6 -0.85 6.52 1.46
N PRO A 7 0.00 6.10 0.52
CA PRO A 7 0.14 4.69 0.13
C PRO A 7 0.80 3.86 1.22
N ILE A 8 0.30 2.64 1.41
CA ILE A 8 0.84 1.74 2.42
C ILE A 8 1.12 0.36 1.84
N CYS A 9 2.26 -0.22 2.22
CA CYS A 9 2.64 -1.54 1.74
C CYS A 9 2.54 -2.58 2.85
N PHE A 10 1.85 -3.68 2.54
CA PHE A 10 1.67 -4.75 3.51
C PHE A 10 2.51 -5.96 3.15
N PRO A 11 2.76 -6.84 4.14
CA PRO A 11 3.55 -8.06 3.95
C PRO A 11 2.84 -9.09 3.08
N ASP A 12 1.52 -8.97 3.00
CA ASP A 12 0.73 -9.90 2.19
C ASP A 12 0.84 -9.56 0.71
N GLY A 13 0.72 -8.27 0.39
CA GLY A 13 0.80 -7.83 -0.99
C GLY A 13 -0.18 -6.73 -1.31
N ARG A 14 -0.16 -5.67 -0.52
CA ARG A 14 -1.06 -4.54 -0.72
C ARG A 14 -0.29 -3.21 -0.66
N CYS A 1 -0.33 -2.83 -2.19
CA CYS A 1 0.12 -1.47 -2.00
C CYS A 1 -0.88 -0.47 -2.58
N THR A 2 -1.02 0.67 -1.92
CA THR A 2 -1.95 1.71 -2.37
C THR A 2 -1.21 2.86 -3.04
N HIS A 3 -1.94 3.64 -3.83
CA HIS A 3 -1.36 4.78 -4.52
C HIS A 3 -2.37 5.92 -4.64
N DPN A 4 -1.97 7.10 -4.17
CA DPN A 4 -2.84 8.28 -4.22
C DPN A 4 -2.83 9.02 -2.89
O DPN A 4 -2.24 10.09 -2.77
CB DPN A 4 -2.39 9.22 -5.35
CG DPN A 4 -3.50 10.07 -5.89
CD1 DPN A 4 -4.24 10.89 -5.05
CD2 DPN A 4 -3.83 10.04 -7.24
CE1 DPN A 4 -5.26 11.68 -5.55
CE2 DPN A 4 -4.85 10.83 -7.74
CZ DPN A 4 -5.56 11.65 -6.89
H DPN A 4 -1.07 7.19 -3.80
HA DPN A 4 -3.84 7.93 -4.43
HB2 DPN A 4 -2.00 8.63 -6.16
HB3 DPN A 4 -1.62 9.87 -4.97
HD1 DPN A 4 -3.99 10.93 -4.00
HD2 DPN A 4 -3.26 9.40 -7.90
HE1 DPN A 4 -5.82 12.32 -4.88
HE2 DPN A 4 -5.08 10.80 -8.79
HZ DPN A 4 -6.36 12.26 -7.28
N MMO A 5 -3.48 8.43 -1.89
CA MMO A 5 -3.54 9.04 -0.56
C MMO A 5 -2.93 8.11 0.49
O MMO A 5 -3.46 7.03 0.76
CB MMO A 5 -5.00 9.35 -0.19
CG MMO A 5 -5.55 10.57 -0.90
CD MMO A 5 -5.24 11.84 -0.12
NE MMO A 5 -3.85 12.24 -0.25
CZ MMO A 5 -3.36 12.86 -1.33
NH2 MMO A 5 -4.16 13.15 -2.35
NH1 MMO A 5 -2.08 13.19 -1.38
CN MMO A 5 -4.16 7.14 -2.13
HA MMO A 5 -2.98 9.95 -0.59
HCB1 MMO A 5 -5.62 8.50 -0.46
HCB2 MMO A 5 -5.06 9.50 0.87
HCG1 MMO A 5 -5.11 10.64 -1.88
HCG2 MMO A 5 -6.62 10.46 -0.99
HCD1 MMO A 5 -5.88 12.64 -0.49
HCD2 MMO A 5 -5.46 11.67 0.93
HH21 MMO A 5 -5.13 12.90 -2.31
HH22 MMO A 5 -3.80 13.61 -3.16
HH11 MMO A 5 -1.48 12.98 -0.62
HC1 MMO A 5 -3.42 6.39 -2.41
HC2 MMO A 5 -4.88 7.26 -2.93
HC3 MMO A 5 -4.66 6.82 -1.22
HE MMO A 5 -3.24 12.04 0.49
HH12 MMO A 5 -1.72 13.66 -2.19
N TRP A 6 -1.81 8.54 1.06
CA TRP A 6 -1.13 7.75 2.08
C TRP A 6 -0.72 6.39 1.53
N PRO A 7 0.29 6.38 0.65
CA PRO A 7 0.79 5.15 0.02
C PRO A 7 1.53 4.27 1.03
N ILE A 8 1.09 3.02 1.14
CA ILE A 8 1.71 2.07 2.05
C ILE A 8 1.79 0.68 1.43
N CYS A 9 2.49 -0.23 2.10
CA CYS A 9 2.65 -1.59 1.62
C CYS A 9 2.37 -2.59 2.74
N PHE A 10 1.54 -3.59 2.44
CA PHE A 10 1.19 -4.62 3.41
C PHE A 10 2.12 -5.82 3.30
N PRO A 11 2.18 -6.63 4.37
CA PRO A 11 3.03 -7.82 4.41
C PRO A 11 2.54 -8.92 3.48
N ASP A 12 1.22 -8.99 3.29
CA ASP A 12 0.63 -10.00 2.42
C ASP A 12 0.97 -9.73 0.96
N GLY A 13 1.22 -8.46 0.64
CA GLY A 13 1.56 -8.10 -0.72
C GLY A 13 0.46 -7.31 -1.40
N ARG A 14 0.32 -6.03 -1.03
CA ARG A 14 -0.71 -5.18 -1.61
C ARG A 14 -0.48 -3.72 -1.21
N CYS A 1 0.21 -2.61 -1.91
CA CYS A 1 0.61 -1.22 -1.79
C CYS A 1 -0.44 -0.29 -2.37
N THR A 2 -0.74 0.79 -1.65
CA THR A 2 -1.74 1.76 -2.09
C THR A 2 -1.09 2.92 -2.84
N HIS A 3 -1.82 3.49 -3.79
CA HIS A 3 -1.31 4.62 -4.57
C HIS A 3 -2.36 5.72 -4.69
N DPN A 4 -2.00 6.93 -4.28
CA DPN A 4 -2.92 8.06 -4.34
C DPN A 4 -2.90 8.84 -3.04
O DPN A 4 -2.35 9.94 -2.96
CB DPN A 4 -2.53 8.98 -5.51
CG DPN A 4 -2.96 8.46 -6.85
CD1 DPN A 4 -4.31 8.36 -7.17
CD2 DPN A 4 -2.02 8.08 -7.78
CE1 DPN A 4 -4.71 7.88 -8.41
CE2 DPN A 4 -2.42 7.59 -9.03
CZ DPN A 4 -3.77 7.50 -9.33
H DPN A 4 -1.10 7.06 -3.93
HA DPN A 4 -3.91 7.68 -4.51
HB2 DPN A 4 -1.46 9.10 -5.52
HB3 DPN A 4 -3.00 9.94 -5.36
HD1 DPN A 4 -5.05 8.66 -6.45
HD2 DPN A 4 -0.97 8.14 -7.55
HE1 DPN A 4 -5.76 7.81 -8.63
HE2 DPN A 4 -1.68 7.29 -9.75
HZ DPN A 4 -4.07 7.13 -10.30
N MMO A 5 -3.51 8.27 -2.00
CA MMO A 5 -3.56 8.91 -0.69
C MMO A 5 -2.93 8.02 0.38
O MMO A 5 -3.45 6.97 0.72
CB MMO A 5 -5.01 9.22 -0.32
CG MMO A 5 -5.56 10.46 -1.00
CD MMO A 5 -6.14 10.13 -2.37
NE MMO A 5 -7.56 9.75 -2.29
CZ MMO A 5 -8.29 9.45 -3.36
NH2 MMO A 5 -7.76 9.50 -4.57
NH1 MMO A 5 -9.57 9.12 -3.21
CN MMO A 5 -4.13 6.95 -2.18
HA MMO A 5 -3.01 9.84 -0.75
HCB1 MMO A 5 -5.63 8.38 -0.59
HCB2 MMO A 5 -5.07 9.37 0.75
HCG1 MMO A 5 -6.35 10.88 -0.38
HCG2 MMO A 5 -4.77 11.18 -1.11
HCD1 MMO A 5 -6.04 11.00 -3.01
HCD2 MMO A 5 -5.58 9.32 -2.79
HH21 MMO A 5 -6.80 9.74 -4.69
HH22 MMO A 5 -8.32 9.27 -5.37
HH11 MMO A 5 -9.97 9.09 -2.29
HC1 MMO A 5 -3.38 6.22 -2.46
HC2 MMO A 5 -4.89 7.01 -2.97
HC3 MMO A 5 -4.60 6.64 -1.25
HE MMO A 5 -7.97 9.72 -1.41
HH12 MMO A 5 -10.12 8.90 -4.01
N TRP A 6 -1.79 8.46 0.90
CA TRP A 6 -1.08 7.71 1.93
C TRP A 6 -0.74 6.31 1.44
N PRO A 7 0.25 6.21 0.53
CA PRO A 7 0.68 4.93 -0.02
C PRO A 7 1.41 4.06 1.00
N ILE A 8 0.78 2.95 1.37
CA ILE A 8 1.36 2.04 2.35
C ILE A 8 1.37 0.61 1.82
N CYS A 9 2.49 -0.09 2.02
CA CYS A 9 2.63 -1.46 1.57
C CYS A 9 2.30 -2.44 2.70
N PHE A 10 1.79 -3.61 2.33
CA PHE A 10 1.43 -4.63 3.30
C PHE A 10 2.31 -5.86 3.15
N PRO A 11 2.37 -6.68 4.21
CA PRO A 11 3.18 -7.91 4.22
C PRO A 11 2.61 -8.99 3.29
N ASP A 12 1.29 -9.01 3.17
CA ASP A 12 0.62 -9.98 2.31
C ASP A 12 0.90 -9.70 0.84
N GLY A 13 0.72 -8.45 0.44
CA GLY A 13 0.96 -8.07 -0.95
C GLY A 13 -0.01 -7.01 -1.43
N ARG A 14 0.06 -5.82 -0.84
CA ARG A 14 -0.82 -4.73 -1.22
C ARG A 14 -0.19 -3.38 -0.89
N CYS A 1 0.32 -2.69 -1.86
CA CYS A 1 0.73 -1.29 -1.75
C CYS A 1 -0.36 -0.36 -2.28
N THR A 2 -0.63 0.71 -1.53
CA THR A 2 -1.65 1.67 -1.93
C THR A 2 -1.03 2.82 -2.73
N HIS A 3 -1.77 3.32 -3.72
CA HIS A 3 -1.30 4.41 -4.54
C HIS A 3 -2.36 5.49 -4.69
N DPN A 4 -2.06 6.70 -4.23
CA DPN A 4 -2.99 7.81 -4.30
C DPN A 4 -3.02 8.59 -2.99
O DPN A 4 -2.50 9.70 -2.91
CB DPN A 4 -2.62 8.75 -5.45
CG DPN A 4 -3.07 8.24 -6.80
CD1 DPN A 4 -4.41 8.01 -7.06
CD2 DPN A 4 -2.14 8.01 -7.80
CE1 DPN A 4 -4.81 7.55 -8.29
CE2 DPN A 4 -2.55 7.55 -9.04
CZ DPN A 4 -3.89 7.32 -9.28
H DPN A 4 -1.17 6.84 -3.82
HA DPN A 4 -3.98 7.40 -4.48
HB2 DPN A 4 -1.54 8.85 -5.48
HB3 DPN A 4 -3.07 9.70 -5.29
HD1 DPN A 4 -5.13 8.18 -6.27
HD2 DPN A 4 -1.10 8.19 -7.62
HE1 DPN A 4 -5.87 7.36 -8.48
HE2 DPN A 4 -1.82 7.37 -9.82
HZ DPN A 4 -4.20 6.95 -10.25
N MMO A 5 -3.62 8.00 -1.97
CA MMO A 5 -3.72 8.64 -0.66
C MMO A 5 -3.05 7.79 0.41
O MMO A 5 -3.49 6.67 0.70
CB MMO A 5 -5.18 8.88 -0.29
CG MMO A 5 -5.90 9.84 -1.23
CD MMO A 5 -7.40 9.61 -1.23
NE MMO A 5 -8.13 10.83 -1.52
CZ MMO A 5 -9.40 10.85 -1.95
NH2 MMO A 5 -10.06 9.71 -2.12
NH1 MMO A 5 -10.01 12.01 -2.19
CN MMO A 5 -4.22 6.67 -2.16
HA MMO A 5 -3.20 9.59 -0.72
HCB1 MMO A 5 -5.71 7.94 -0.30
HCB2 MMO A 5 -5.23 9.29 0.71
HCG1 MMO A 5 -5.69 10.85 -0.93
HCG2 MMO A 5 -5.52 9.68 -2.24
HCD1 MMO A 5 -7.64 8.87 -1.97
HCD2 MMO A 5 -7.69 9.26 -0.24
HH21 MMO A 5 -9.60 8.84 -1.93
HH22 MMO A 5 -11.00 9.72 -2.44
HH11 MMO A 5 -9.51 12.86 -2.06
HC1 MMO A 5 -3.44 5.95 -2.42
HC2 MMO A 5 -4.96 6.71 -2.95
HC3 MMO A 5 -4.69 6.35 -1.24
HE MMO A 5 -7.67 11.68 -1.39
HH12 MMO A 5 -10.95 12.01 -2.50
N TRP A 6 -1.98 8.31 1.00
CA TRP A 6 -1.25 7.59 2.04
C TRP A 6 -0.80 6.22 1.55
N PRO A 7 0.21 6.21 0.65
CA PRO A 7 0.75 4.97 0.09
C PRO A 7 1.51 4.15 1.11
N ILE A 8 1.12 2.89 1.28
CA ILE A 8 1.77 2.00 2.23
C ILE A 8 1.75 0.56 1.73
N CYS A 9 2.90 -0.11 1.83
CA CYS A 9 3.00 -1.50 1.39
C CYS A 9 2.69 -2.46 2.54
N PHE A 10 1.79 -3.40 2.28
CA PHE A 10 1.39 -4.37 3.30
C PHE A 10 2.15 -5.69 3.11
N PRO A 11 2.20 -6.50 4.17
CA PRO A 11 2.88 -7.80 4.16
C PRO A 11 2.16 -8.82 3.29
N ASP A 12 0.87 -8.59 3.06
CA ASP A 12 0.07 -9.49 2.24
C ASP A 12 0.40 -9.33 0.77
N GLY A 13 0.88 -8.14 0.40
CA GLY A 13 1.23 -7.88 -0.98
C GLY A 13 0.35 -6.81 -1.60
N ARG A 14 -0.04 -5.82 -0.80
CA ARG A 14 -0.89 -4.74 -1.28
C ARG A 14 -0.29 -3.38 -0.91
N CYS A 1 -0.68 -2.92 -1.83
CA CYS A 1 0.01 -1.64 -1.77
C CYS A 1 -0.89 -0.51 -2.29
N THR A 2 -1.00 0.55 -1.50
CA THR A 2 -1.83 1.70 -1.88
C THR A 2 -0.97 2.81 -2.48
N HIS A 3 -1.57 3.58 -3.38
CA HIS A 3 -0.87 4.68 -4.03
C HIS A 3 -1.84 5.79 -4.42
N DPN A 4 -1.59 6.99 -3.91
CA DPN A 4 -2.44 8.15 -4.21
C DPN A 4 -2.74 8.94 -2.95
O DPN A 4 -2.22 10.04 -2.75
CB DPN A 4 -1.77 9.05 -5.25
CG DPN A 4 -1.53 8.37 -6.57
CD1 DPN A 4 -2.57 7.75 -7.25
CD2 DPN A 4 -0.27 8.34 -7.13
CE1 DPN A 4 -2.35 7.12 -8.46
CE2 DPN A 4 -0.04 7.71 -8.33
CZ DPN A 4 -1.08 7.10 -9.00
H DPN A 4 -0.81 7.12 -3.33
HA DPN A 4 -3.37 7.76 -4.62
HB2 DPN A 4 -0.82 9.38 -4.87
HB3 DPN A 4 -2.41 9.91 -5.43
HD1 DPN A 4 -3.57 7.76 -6.82
HD2 DPN A 4 0.55 8.82 -6.61
HE1 DPN A 4 -3.17 6.64 -8.98
HE2 DPN A 4 0.96 7.70 -8.76
HZ DPN A 4 -0.91 6.61 -9.95
N MMO A 5 -3.59 8.39 -2.10
CA MMO A 5 -3.97 9.04 -0.85
C MMO A 5 -3.59 8.19 0.36
O MMO A 5 -4.19 8.30 1.43
CB MMO A 5 -5.47 9.34 -0.83
CG MMO A 5 -5.91 10.29 -1.91
CD MMO A 5 -7.18 11.04 -1.53
NE MMO A 5 -6.92 12.09 -0.55
CZ MMO A 5 -7.87 12.79 0.05
NH2 MMO A 5 -9.14 12.56 -0.22
NH1 MMO A 5 -7.55 13.74 0.93
CN MMO A 5 -4.18 7.08 -2.41
HA MMO A 5 -3.42 9.97 -0.79
HCB1 MMO A 5 -6.01 8.41 -0.94
HCB2 MMO A 5 -5.72 9.78 0.13
HCG1 MMO A 5 -5.13 11.02 -2.10
HCG2 MMO A 5 -6.10 9.73 -2.82
HCD1 MMO A 5 -7.61 11.48 -2.41
HCD2 MMO A 5 -7.87 10.33 -1.10
HH21 MMO A 5 -9.39 11.85 -0.89
HH22 MMO A 5 -9.86 13.09 0.23
HH11 MMO A 5 -6.58 13.92 1.14
HC1 MMO A 5 -3.39 6.33 -2.50
HC2 MMO A 5 -4.71 7.14 -3.36
HC3 MMO A 5 -4.88 6.79 -1.63
HE MMO A 5 -5.98 12.28 -0.33
HH12 MMO A 5 -8.27 14.27 1.38
N TRP A 6 -2.59 7.33 0.17
CA TRP A 6 -2.14 6.44 1.24
C TRP A 6 -0.93 5.63 0.80
N PRO A 7 0.23 6.29 0.71
CA PRO A 7 1.49 5.65 0.30
C PRO A 7 2.00 4.68 1.35
N ILE A 8 1.59 3.42 1.25
CA ILE A 8 2.02 2.40 2.19
C ILE A 8 2.05 1.02 1.53
N CYS A 9 2.73 0.08 2.17
CA CYS A 9 2.84 -1.27 1.65
C CYS A 9 2.61 -2.31 2.76
N PHE A 10 1.89 -3.37 2.42
CA PHE A 10 1.58 -4.43 3.37
C PHE A 10 2.34 -5.70 3.02
N PRO A 11 2.48 -6.60 4.02
CA PRO A 11 3.18 -7.87 3.85
C PRO A 11 2.41 -8.84 2.95
N ASP A 12 1.09 -8.81 3.07
CA ASP A 12 0.24 -9.69 2.28
C ASP A 12 0.50 -9.50 0.79
N GLY A 13 0.98 -8.32 0.42
CA GLY A 13 1.27 -8.04 -0.97
C GLY A 13 0.32 -7.02 -1.57
N ARG A 14 -0.31 -6.22 -0.71
CA ARG A 14 -1.25 -5.20 -1.16
C ARG A 14 -0.74 -3.80 -0.83
N CYS A 1 -0.39 -3.09 -1.86
CA CYS A 1 0.12 -1.74 -1.61
C CYS A 1 -0.75 -0.69 -2.29
N THR A 2 -1.01 0.39 -1.56
CA THR A 2 -1.84 1.48 -2.10
C THR A 2 -0.99 2.51 -2.82
N HIS A 3 -1.64 3.54 -3.35
CA HIS A 3 -0.95 4.60 -4.07
C HIS A 3 -1.90 5.74 -4.41
N DPN A 4 -1.60 6.93 -3.92
CA DPN A 4 -2.43 8.11 -4.17
C DPN A 4 -2.68 8.89 -2.88
O DPN A 4 -2.11 9.97 -2.68
CB DPN A 4 -1.76 9.01 -5.21
CG DPN A 4 -2.74 9.84 -5.99
CD1 DPN A 4 -3.55 10.77 -5.35
CD2 DPN A 4 -2.85 9.69 -7.37
CE1 DPN A 4 -4.44 11.53 -6.07
CE2 DPN A 4 -3.74 10.46 -8.09
CZ DPN A 4 -4.54 11.38 -7.44
H DPN A 4 -0.79 7.03 -3.36
HA DPN A 4 -3.38 7.76 -4.56
HB2 DPN A 4 -1.21 8.40 -5.91
HB3 DPN A 4 -1.08 9.68 -4.71
HD1 DPN A 4 -3.47 10.88 -4.29
HD2 DPN A 4 -2.23 8.98 -7.88
HE1 DPN A 4 -5.07 12.26 -5.57
HE2 DPN A 4 -3.83 10.34 -9.16
HZ DPN A 4 -5.25 11.98 -8.01
N MMO A 5 -3.53 8.34 -2.02
CA MMO A 5 -3.85 8.98 -0.76
C MMO A 5 -3.48 8.10 0.42
O MMO A 5 -4.04 8.21 1.50
CB MMO A 5 -5.34 9.33 -0.70
CG MMO A 5 -5.68 10.41 0.31
CD MMO A 5 -7.18 10.64 0.40
NE MMO A 5 -7.67 11.52 -0.66
CZ MMO A 5 -8.93 11.92 -0.75
NH2 MMO A 5 -9.82 11.54 0.16
NH1 MMO A 5 -9.30 12.72 -1.74
CN MMO A 5 -4.15 7.05 -2.34
HA MMO A 5 -3.28 9.90 -0.69
HCB1 MMO A 5 -5.66 9.67 -1.67
HCB2 MMO A 5 -5.89 8.43 -0.43
HCG1 MMO A 5 -5.31 10.12 1.28
HCG2 MMO A 5 -5.21 11.33 0.01
HCD1 MMO A 5 -7.68 9.68 0.33
HCD2 MMO A 5 -7.41 11.08 1.36
HH21 MMO A 5 -9.55 10.94 0.90
HH22 MMO A 5 -10.78 11.85 0.08
HH11 MMO A 5 -8.62 13.03 -2.42
HC1 MMO A 5 -4.71 7.15 -3.28
HC2 MMO A 5 -4.84 6.77 -1.55
HC3 MMO A 5 -3.39 6.29 -2.46
HE MMO A 5 -7.03 11.81 -1.33
HH12 MMO A 5 -10.25 13.04 -1.81
N TRP A 6 -2.51 7.20 0.20
CA TRP A 6 -2.06 6.30 1.24
C TRP A 6 -0.79 5.57 0.82
N PRO A 7 0.34 6.28 0.84
CA PRO A 7 1.64 5.72 0.47
C PRO A 7 2.15 4.70 1.48
N ILE A 8 1.61 3.49 1.42
CA ILE A 8 2.01 2.43 2.32
C ILE A 8 1.85 1.06 1.67
N CYS A 9 2.68 0.11 2.09
CA CYS A 9 2.64 -1.24 1.54
C CYS A 9 2.48 -2.27 2.65
N PHE A 10 1.66 -3.29 2.39
CA PHE A 10 1.42 -4.35 3.37
C PHE A 10 2.28 -5.57 3.07
N PRO A 11 2.46 -6.43 4.09
CA PRO A 11 3.25 -7.66 3.95
C PRO A 11 2.58 -8.70 3.08
N ASP A 12 1.25 -8.67 3.06
CA ASP A 12 0.48 -9.62 2.25
C ASP A 12 0.76 -9.42 0.77
N GLY A 13 0.82 -8.17 0.34
CA GLY A 13 1.09 -7.87 -1.05
C GLY A 13 0.40 -6.61 -1.52
N ARG A 14 -0.80 -6.36 -0.99
CA ARG A 14 -1.57 -5.18 -1.37
C ARG A 14 -0.85 -3.90 -0.91
N CYS A 1 -0.54 -2.88 -2.01
CA CYS A 1 0.00 -1.55 -1.77
C CYS A 1 -0.90 -0.48 -2.36
N THR A 2 -1.18 0.56 -1.57
CA THR A 2 -2.04 1.66 -2.02
C THR A 2 -1.23 2.75 -2.70
N HIS A 3 -1.86 3.44 -3.66
CA HIS A 3 -1.20 4.51 -4.39
C HIS A 3 -2.16 5.67 -4.63
N DPN A 4 -1.72 6.88 -4.30
CA DPN A 4 -2.54 8.07 -4.48
C DPN A 4 -2.53 8.93 -3.23
O DPN A 4 -1.90 9.99 -3.19
CB DPN A 4 -2.03 8.88 -5.67
CG DPN A 4 -2.06 8.12 -6.98
CD1 DPN A 4 -3.27 7.75 -7.54
CD2 DPN A 4 -0.88 7.79 -7.62
CE1 DPN A 4 -3.30 7.05 -8.73
CE2 DPN A 4 -0.91 7.09 -8.81
CZ DPN A 4 -2.12 6.72 -9.37
H DPN A 4 -0.82 6.97 -3.92
HA DPN A 4 -3.55 7.74 -4.68
HB2 DPN A 4 -1.00 9.18 -5.50
HB3 DPN A 4 -2.64 9.75 -5.79
HD1 DPN A 4 -4.19 8.00 -7.04
HD2 DPN A 4 0.06 8.07 -7.19
HE1 DPN A 4 -4.24 6.77 -9.17
HE2 DPN A 4 0.02 6.84 -9.31
HZ DPN A 4 -2.14 6.18 -10.31
N MMO A 5 -3.23 8.47 -2.20
CA MMO A 5 -3.30 9.20 -0.93
C MMO A 5 -2.83 8.33 0.23
O MMO A 5 -3.52 7.39 0.63
CB MMO A 5 -4.73 9.67 -0.68
CG MMO A 5 -5.08 10.96 -1.40
CD MMO A 5 -6.48 11.44 -1.04
NE MMO A 5 -7.50 10.85 -1.89
CZ MMO A 5 -8.81 11.07 -1.73
NH2 MMO A 5 -9.24 11.87 -0.77
NH1 MMO A 5 -9.68 10.49 -2.55
CN MMO A 5 -3.95 7.19 -2.33
HA MMO A 5 -2.66 10.06 -1.01
HCB1 MMO A 5 -5.42 8.91 -1.00
HCB2 MMO A 5 -4.86 9.84 0.38
HCG1 MMO A 5 -4.37 11.72 -1.13
HCG2 MMO A 5 -5.03 10.79 -2.47
HCD1 MMO A 5 -6.68 11.18 -0.01
HCD2 MMO A 5 -6.51 12.52 -1.14
HH21 MMO A 5 -8.59 12.31 -0.15
HH22 MMO A 5 -10.22 12.03 -0.65
HH11 MMO A 5 -9.35 9.89 -3.28
HC1 MMO A 5 -4.50 6.98 -1.41
HC2 MMO A 5 -3.23 6.39 -2.50
HC3 MMO A 5 -4.64 7.25 -3.16
HE MMO A 5 -7.21 10.25 -2.61
HH12 MMO A 5 -10.65 10.66 -2.43
N TRP A 6 -1.65 8.65 0.76
CA TRP A 6 -1.10 7.89 1.87
C TRP A 6 -0.86 6.43 1.48
N PRO A 7 0.18 6.19 0.68
CA PRO A 7 0.53 4.85 0.22
C PRO A 7 1.07 3.97 1.34
N ILE A 8 0.52 2.76 1.46
CA ILE A 8 0.95 1.83 2.49
C ILE A 8 1.26 0.46 1.91
N CYS A 9 2.41 -0.10 2.27
CA CYS A 9 2.82 -1.41 1.79
C CYS A 9 2.72 -2.45 2.89
N PHE A 10 1.91 -3.48 2.65
CA PHE A 10 1.73 -4.55 3.63
C PHE A 10 2.51 -5.81 3.22
N PRO A 11 2.76 -6.69 4.18
CA PRO A 11 3.49 -7.94 3.95
C PRO A 11 2.68 -8.94 3.12
N ASP A 12 1.39 -8.67 2.98
CA ASP A 12 0.51 -9.54 2.22
C ASP A 12 0.73 -9.35 0.72
N GLY A 13 1.14 -8.14 0.34
CA GLY A 13 1.37 -7.86 -1.07
C GLY A 13 0.72 -6.57 -1.52
N ARG A 14 -0.52 -6.35 -1.08
CA ARG A 14 -1.25 -5.15 -1.44
C ARG A 14 -0.44 -3.89 -1.15
N CYS A 1 -0.52 -3.10 -1.91
CA CYS A 1 -0.12 -1.70 -1.79
C CYS A 1 -1.04 -0.81 -2.61
N THR A 2 -1.21 0.44 -2.18
CA THR A 2 -2.06 1.39 -2.87
C THR A 2 -1.27 2.62 -3.32
N HIS A 3 -1.98 3.64 -3.79
CA HIS A 3 -1.35 4.87 -4.25
C HIS A 3 -2.38 5.98 -4.43
N DPN A 4 -1.97 7.21 -4.12
CA DPN A 4 -2.87 8.35 -4.24
C DPN A 4 -2.61 9.36 -3.12
O DPN A 4 -2.02 10.43 -3.35
CB DPN A 4 -2.68 9.03 -5.60
CG DPN A 4 -3.07 8.15 -6.76
CD1 DPN A 4 -4.41 7.95 -7.07
CD2 DPN A 4 -2.10 7.56 -7.55
CE1 DPN A 4 -4.76 7.15 -8.13
CE2 DPN A 4 -2.45 6.75 -8.61
CZ DPN A 4 -3.79 6.55 -8.90
H DPN A 4 -1.05 7.34 -3.80
HA DPN A 4 -3.88 8.00 -4.17
HB2 DPN A 4 -1.63 9.29 -5.72
HB3 DPN A 4 -3.28 9.93 -5.64
HD1 DPN A 4 -5.17 8.41 -6.46
HD2 DPN A 4 -1.06 7.71 -7.32
HE1 DPN A 4 -5.81 6.99 -8.35
HE2 DPN A 4 -1.70 6.28 -9.22
HZ DPN A 4 -4.07 5.92 -9.74
N MMO A 5 -3.06 9.03 -1.92
CA MMO A 5 -2.87 9.89 -0.76
C MMO A 5 -2.25 9.14 0.40
O MMO A 5 -2.95 8.47 1.17
CB MMO A 5 -4.21 10.50 -0.34
CG MMO A 5 -4.22 12.02 -0.34
CD MMO A 5 -4.16 12.58 1.07
NE MMO A 5 -5.29 12.13 1.89
CZ MMO A 5 -5.30 12.19 3.22
NH2 MMO A 5 -4.25 12.67 3.87
NH1 MMO A 5 -6.35 11.77 3.89
CN MMO A 5 -3.75 7.74 -1.74
HA MMO A 5 -2.21 10.70 -1.05
HCB1 MMO A 5 -4.98 10.15 -1.01
HCB2 MMO A 5 -4.45 10.16 0.66
HCG1 MMO A 5 -3.37 12.38 -0.90
HCG2 MMO A 5 -5.14 12.37 -0.81
HCD1 MMO A 5 -3.24 12.25 1.53
HCD2 MMO A 5 -4.17 13.66 1.01
HH21 MMO A 5 -3.45 13.00 3.37
HH22 MMO A 5 -4.26 12.72 4.87
HH11 MMO A 5 -7.15 11.41 3.40
HC1 MMO A 5 -4.62 7.70 -2.39
HC2 MMO A 5 -4.05 7.63 -0.71
HC3 MMO A 5 -3.07 6.92 -2.01
HE MMO A 5 -6.07 11.78 1.43
HH12 MMO A 5 -6.37 11.81 4.90
N TRP A 6 -0.93 9.24 0.54
CA TRP A 6 -0.22 8.56 1.61
C TRP A 6 -0.57 7.08 1.65
N PRO A 7 -0.20 6.35 0.58
CA PRO A 7 -0.47 4.91 0.47
C PRO A 7 0.37 4.09 1.45
N ILE A 8 0.22 2.78 1.37
CA ILE A 8 0.96 1.88 2.26
C ILE A 8 1.21 0.54 1.58
N CYS A 9 1.98 -0.32 2.25
CA CYS A 9 2.31 -1.63 1.71
C CYS A 9 2.15 -2.71 2.78
N PHE A 10 1.41 -3.76 2.45
CA PHE A 10 1.18 -4.86 3.38
C PHE A 10 2.25 -5.94 3.23
N PRO A 11 2.39 -6.78 4.26
CA PRO A 11 3.38 -7.86 4.26
C PRO A 11 3.01 -8.98 3.29
N ASP A 12 1.71 -9.25 3.16
CA ASP A 12 1.23 -10.28 2.25
C ASP A 12 1.49 -9.91 0.80
N GLY A 13 1.59 -8.61 0.53
CA GLY A 13 1.83 -8.13 -0.82
C GLY A 13 0.66 -7.37 -1.38
N ARG A 14 0.32 -6.24 -0.77
CA ARG A 14 -0.79 -5.43 -1.22
C ARG A 14 -0.56 -3.96 -0.89
N CYS A 1 -0.59 -2.90 -1.96
CA CYS A 1 -0.06 -1.55 -1.78
C CYS A 1 -0.98 -0.52 -2.41
N THR A 2 -1.10 0.64 -1.76
CA THR A 2 -1.95 1.71 -2.25
C THR A 2 -1.14 2.77 -2.98
N HIS A 3 -1.82 3.61 -3.75
CA HIS A 3 -1.15 4.68 -4.50
C HIS A 3 -2.08 5.86 -4.70
N DPN A 4 -1.67 7.03 -4.19
CA DPN A 4 -2.46 8.24 -4.31
C DPN A 4 -2.55 8.98 -2.97
O DPN A 4 -1.92 10.02 -2.80
CB DPN A 4 -1.88 9.16 -5.39
CG DPN A 4 -2.37 8.87 -6.77
CD1 DPN A 4 -3.73 8.97 -7.07
CD2 DPN A 4 -1.50 8.48 -7.77
CE1 DPN A 4 -4.19 8.70 -8.35
CE2 DPN A 4 -1.96 8.21 -9.05
CZ DPN A 4 -3.30 8.32 -9.34
H DPN A 4 -0.81 7.07 -3.72
HA DPN A 4 -3.47 7.95 -4.61
HB2 DPN A 4 -0.80 9.04 -5.39
HB3 DPN A 4 -2.13 10.19 -5.15
HD1 DPN A 4 -4.42 9.26 -6.30
HD2 DPN A 4 -0.44 8.40 -7.55
HE1 DPN A 4 -5.24 8.78 -8.56
HE2 DPN A 4 -1.27 7.92 -9.82
HZ DPN A 4 -3.67 8.10 -10.33
N MMO A 5 -3.31 8.43 -2.05
CA MMO A 5 -3.48 9.03 -0.73
C MMO A 5 -2.94 8.12 0.36
O MMO A 5 -3.53 7.08 0.67
CB MMO A 5 -4.95 9.34 -0.47
CG MMO A 5 -5.16 10.43 0.57
CD MMO A 5 -6.55 11.06 0.45
NE MMO A 5 -6.75 12.15 1.40
CZ MMO A 5 -6.94 11.95 2.70
NH2 MMO A 5 -6.97 10.73 3.20
NH1 MMO A 5 -7.12 13.00 3.50
CN MMO A 5 -4.02 7.18 -2.35
HA MMO A 5 -2.92 9.96 -0.72
HCB1 MMO A 5 -5.42 9.66 -1.39
HCB2 MMO A 5 -5.44 8.45 -0.11
HCG1 MMO A 5 -5.06 10.01 1.56
HCG2 MMO A 5 -4.42 11.21 0.42
HCD1 MMO A 5 -6.67 11.44 -0.56
HCD2 MMO A 5 -7.29 10.29 0.62
HH21 MMO A 5 -6.83 9.94 2.60
HH22 MMO A 5 -7.11 10.59 4.18
HH11 MMO A 5 -7.10 13.92 3.12
HC1 MMO A 5 -4.67 7.32 -3.22
HC2 MMO A 5 -4.63 6.88 -1.50
HC3 MMO A 5 -3.31 6.39 -2.57
HE MMO A 5 -6.74 13.06 1.05
HH12 MMO A 5 -7.26 12.85 4.48
N TRP A 6 -1.80 8.50 0.93
CA TRP A 6 -1.17 7.70 1.98
C TRP A 6 -0.85 6.29 1.50
N PRO A 7 0.13 6.19 0.60
CA PRO A 7 0.55 4.90 0.03
C PRO A 7 1.27 4.03 1.06
N ILE A 8 0.64 2.90 1.40
CA ILE A 8 1.21 1.98 2.37
C ILE A 8 1.38 0.58 1.76
N CYS A 9 2.45 -0.10 2.15
CA CYS A 9 2.73 -1.44 1.65
C CYS A 9 2.63 -2.47 2.77
N PHE A 10 1.76 -3.46 2.59
CA PHE A 10 1.58 -4.51 3.59
C PHE A 10 2.40 -5.74 3.24
N PRO A 11 2.64 -6.60 4.25
CA PRO A 11 3.42 -7.83 4.07
C PRO A 11 2.68 -8.87 3.24
N ASP A 12 1.37 -8.69 3.11
CA ASP A 12 0.54 -9.61 2.34
C ASP A 12 0.86 -9.51 0.86
N GLY A 13 1.03 -8.27 0.38
CA GLY A 13 1.33 -8.06 -1.02
C GLY A 13 0.65 -6.82 -1.58
N ARG A 14 -0.40 -6.38 -0.90
CA ARG A 14 -1.15 -5.20 -1.34
C ARG A 14 -0.30 -3.94 -1.17
N CYS A 1 -0.09 -2.51 -1.80
CA CYS A 1 0.29 -1.13 -1.52
C CYS A 1 -0.75 -0.16 -2.06
N THR A 2 -0.85 1.00 -1.44
CA THR A 2 -1.81 2.02 -1.86
C THR A 2 -1.19 2.96 -2.90
N HIS A 3 -2.00 3.37 -3.86
CA HIS A 3 -1.54 4.27 -4.92
C HIS A 3 -2.42 5.51 -4.99
N DPN A 4 -1.91 6.62 -4.47
CA DPN A 4 -2.66 7.88 -4.47
C DPN A 4 -2.63 8.54 -3.10
O DPN A 4 -1.92 9.54 -2.89
CB DPN A 4 -2.07 8.83 -5.52
CG DPN A 4 -3.02 9.92 -5.94
CD1 DPN A 4 -2.65 11.26 -5.85
CD2 DPN A 4 -4.29 9.62 -6.40
CE1 DPN A 4 -3.52 12.26 -6.23
CE2 DPN A 4 -5.16 10.62 -6.78
CZ DPN A 4 -4.77 11.94 -6.69
H DPN A 4 -1.01 6.60 -4.08
HA DPN A 4 -3.68 7.66 -4.73
HB2 DPN A 4 -1.82 8.27 -6.42
HB3 DPN A 4 -1.18 9.30 -5.12
HD1 DPN A 4 -1.66 11.50 -5.49
HD2 DPN A 4 -4.60 8.59 -6.48
HE1 DPN A 4 -3.20 13.29 -6.16
HE2 DPN A 4 -6.15 10.37 -7.14
HZ DPN A 4 -5.46 12.73 -6.99
N MMO A 5 -3.38 7.98 -2.17
CA MMO A 5 -3.44 8.51 -0.81
C MMO A 5 -2.87 7.52 0.19
O MMO A 5 -3.14 6.32 0.12
CB MMO A 5 -4.89 8.86 -0.44
CG MMO A 5 -5.50 7.90 0.58
CD MMO A 5 -6.97 8.21 0.82
NE MMO A 5 -7.14 9.37 1.68
CZ MMO A 5 -7.25 10.62 1.22
NH2 MMO A 5 -7.20 10.85 -0.08
NH1 MMO A 5 -7.40 11.62 2.06
CN MMO A 5 -4.19 6.80 -2.51
HA MMO A 5 -2.86 9.42 -0.78
HCB1 MMO A 5 -4.92 9.85 -0.01
HCB2 MMO A 5 -5.49 8.83 -1.33
HCG1 MMO A 5 -5.41 6.89 0.20
HCG2 MMO A 5 -4.95 7.98 1.50
HCD1 MMO A 5 -7.44 8.39 -0.12
HCD2 MMO A 5 -7.42 7.35 1.30
HH21 MMO A 5 -7.09 10.09 -0.72
HH22 MMO A 5 -7.28 11.78 -0.42
HH11 MMO A 5 -7.44 11.45 3.05
HC1 MMO A 5 -3.53 5.99 -2.81
HC2 MMO A 5 -4.87 7.04 -3.33
HC3 MMO A 5 -4.77 6.49 -1.64
HE MMO A 5 -7.17 9.23 2.65
HH12 MMO A 5 -7.49 12.56 1.72
N TRP A 6 -2.06 8.02 1.12
CA TRP A 6 -1.46 7.18 2.14
C TRP A 6 -0.76 5.98 1.51
N PRO A 7 0.39 6.24 0.87
CA PRO A 7 1.18 5.19 0.20
C PRO A 7 1.84 4.23 1.20
N ILE A 8 1.12 3.17 1.54
CA ILE A 8 1.63 2.18 2.48
C ILE A 8 1.51 0.76 1.91
N CYS A 9 2.57 -0.02 2.07
CA CYS A 9 2.59 -1.39 1.57
C CYS A 9 2.39 -2.38 2.71
N PHE A 10 1.72 -3.49 2.43
CA PHE A 10 1.46 -4.52 3.43
C PHE A 10 2.26 -5.78 3.14
N PRO A 11 2.44 -6.61 4.16
CA PRO A 11 3.20 -7.87 4.04
C PRO A 11 2.48 -8.90 3.20
N ASP A 12 1.18 -8.69 3.00
CA ASP A 12 0.37 -9.61 2.21
C ASP A 12 0.65 -9.43 0.71
N GLY A 13 0.89 -8.19 0.30
CA GLY A 13 1.17 -7.91 -1.10
C GLY A 13 0.24 -6.87 -1.67
N ARG A 14 -0.05 -5.84 -0.90
CA ARG A 14 -0.93 -4.76 -1.33
C ARG A 14 -0.43 -3.41 -0.86
N CYS A 1 -0.60 -2.76 -2.07
CA CYS A 1 0.14 -1.50 -2.16
C CYS A 1 -0.74 -0.40 -2.72
N THR A 2 -0.90 0.67 -1.95
CA THR A 2 -1.72 1.81 -2.37
C THR A 2 -0.89 2.85 -3.10
N HIS A 3 -1.55 3.87 -3.61
CA HIS A 3 -0.87 4.95 -4.33
C HIS A 3 -1.84 6.07 -4.68
N DPN A 4 -1.67 7.22 -4.03
CA DPN A 4 -2.52 8.37 -4.26
C DPN A 4 -2.55 9.30 -3.06
O DPN A 4 -1.97 10.38 -3.09
CB DPN A 4 -2.05 9.14 -5.50
CG DPN A 4 -2.98 10.23 -5.92
CD1 DPN A 4 -2.68 11.57 -5.64
CD2 DPN A 4 -4.17 9.95 -6.59
CE1 DPN A 4 -3.54 12.58 -6.03
CE2 DPN A 4 -5.02 10.96 -6.97
CZ DPN A 4 -4.70 12.28 -6.69
H DPN A 4 -0.94 7.29 -3.36
HA DPN A 4 -3.52 8.01 -4.45
HB2 DPN A 4 -1.96 8.45 -6.33
HB3 DPN A 4 -1.09 9.57 -5.30
HD1 DPN A 4 -1.77 11.80 -5.12
HD2 DPN A 4 -4.41 8.92 -6.81
HE1 DPN A 4 -3.29 13.60 -5.80
HE2 DPN A 4 -5.94 10.72 -7.49
HZ DPN A 4 -5.38 13.07 -6.99
N MMO A 5 -3.21 8.85 -1.99
CA MMO A 5 -3.30 9.64 -0.77
C MMO A 5 -2.41 9.06 0.32
O MMO A 5 -1.38 9.63 0.67
CB MMO A 5 -4.75 9.70 -0.28
CG MMO A 5 -5.01 10.81 0.73
CD MMO A 5 -4.78 12.18 0.12
NE MMO A 5 -6.01 12.96 0.06
CZ MMO A 5 -6.14 14.07 -0.67
NH2 MMO A 5 -5.12 14.53 -1.37
NH1 MMO A 5 -7.29 14.73 -0.68
CN MMO A 5 -3.87 7.54 -2.05
HA MMO A 5 -2.96 10.64 -0.99
HCB1 MMO A 5 -5.40 9.86 -1.14
HCB2 MMO A 5 -5.00 8.75 0.17
HCG1 MMO A 5 -6.04 10.74 1.06
HCG2 MMO A 5 -4.34 10.67 1.57
HCD1 MMO A 5 -4.07 12.71 0.74
HCD2 MMO A 5 -4.39 12.06 -0.87
HH21 MMO A 5 -4.24 14.03 -1.36
HH22 MMO A 5 -5.21 15.37 -1.91
HH11 MMO A 5 -8.07 14.38 -0.15
HC1 MMO A 5 -4.43 7.37 -1.13
HC2 MMO A 5 -3.11 6.76 -2.17
HC3 MMO A 5 -4.55 7.51 -2.90
HE MMO A 5 -6.79 12.64 0.56
HH12 MMO A 5 -7.39 15.56 -1.22
N TRP A 6 -2.83 7.91 0.87
CA TRP A 6 -2.06 7.25 1.92
C TRP A 6 -1.49 5.93 1.43
N PRO A 7 -0.41 6.01 0.62
CA PRO A 7 0.26 4.84 0.06
C PRO A 7 1.00 4.03 1.13
N ILE A 8 0.75 2.72 1.16
CA ILE A 8 1.40 1.85 2.13
C ILE A 8 1.57 0.45 1.57
N CYS A 9 2.62 -0.24 2.02
CA CYS A 9 2.90 -1.59 1.55
C CYS A 9 2.87 -2.58 2.72
N PHE A 10 2.02 -3.60 2.61
CA PHE A 10 1.90 -4.61 3.65
C PHE A 10 2.67 -5.87 3.28
N PRO A 11 2.97 -6.69 4.30
CA PRO A 11 3.72 -7.95 4.10
C PRO A 11 2.90 -9.00 3.37
N ASP A 12 1.59 -8.79 3.33
CA ASP A 12 0.68 -9.73 2.66
C ASP A 12 0.87 -9.67 1.15
N GLY A 13 0.52 -8.52 0.57
CA GLY A 13 0.65 -8.36 -0.87
C GLY A 13 -0.30 -7.31 -1.42
N ARG A 14 -0.25 -6.11 -0.85
CA ARG A 14 -1.12 -5.02 -1.29
C ARG A 14 -0.43 -3.67 -1.11
N CYS A 1 0.03 -2.72 -2.23
CA CYS A 1 0.09 -1.30 -1.90
C CYS A 1 -1.11 -0.56 -2.48
N THR A 2 -1.59 0.43 -1.75
CA THR A 2 -2.74 1.22 -2.19
C THR A 2 -2.29 2.43 -3.00
N HIS A 3 -3.25 3.23 -3.45
CA HIS A 3 -2.95 4.43 -4.23
C HIS A 3 -3.14 5.69 -3.39
N DPN A 4 -3.07 6.84 -4.06
CA DPN A 4 -3.23 8.12 -3.38
C DPN A 4 -1.89 8.84 -3.24
O DPN A 4 -0.96 8.60 -4.02
CB DPN A 4 -4.22 9.00 -4.14
CG DPN A 4 -5.65 8.81 -3.70
CD1 DPN A 4 -6.44 9.90 -3.38
CD2 DPN A 4 -6.19 7.54 -3.61
CE1 DPN A 4 -7.75 9.73 -2.98
CE2 DPN A 4 -7.51 7.37 -3.22
CZ DPN A 4 -8.29 8.46 -2.90
H DPN A 4 -2.91 6.83 -5.02
HA DPN A 4 -3.62 7.92 -2.39
HB2 DPN A 4 -4.17 8.78 -5.19
HB3 DPN A 4 -3.97 10.04 -3.98
HD1 DPN A 4 -6.03 10.90 -3.45
HD2 DPN A 4 -5.59 6.68 -3.87
HE1 DPN A 4 -8.36 10.59 -2.74
HE2 DPN A 4 -7.92 6.36 -3.16
HZ DPN A 4 -9.31 8.32 -2.58
N MMO A 5 -1.79 9.73 -2.27
CA MMO A 5 -0.57 10.48 -2.03
C MMO A 5 0.14 9.99 -0.77
O MMO A 5 1.08 10.62 -0.29
CB MMO A 5 -0.88 11.97 -1.89
CG MMO A 5 -1.77 12.51 -3.01
CD MMO A 5 -1.03 12.56 -4.34
NE MMO A 5 -1.32 11.38 -5.16
CZ MMO A 5 -0.73 11.14 -6.33
NH2 MMO A 5 0.17 11.98 -6.80
NH1 MMO A 5 -1.04 10.05 -7.01
CN MMO A 5 -2.95 9.95 -1.39
HA MMO A 5 0.08 10.33 -2.88
HCB1 MMO A 5 -1.37 12.14 -0.95
HCB2 MMO A 5 0.05 12.52 -1.91
HCG1 MMO A 5 -2.64 11.87 -3.11
HCG2 MMO A 5 -2.10 13.50 -2.74
HCD1 MMO A 5 -1.35 13.44 -4.87
HCD2 MMO A 5 0.03 12.60 -4.14
HH21 MMO A 5 0.41 12.81 -6.28
HH22 MMO A 5 0.63 11.79 -7.67
HH11 MMO A 5 -1.73 9.42 -6.66
HC1 MMO A 5 -2.71 10.71 -0.65
HC2 MMO A 5 -3.20 9.02 -0.87
HC3 MMO A 5 -3.80 10.28 -1.99
HE MMO A 5 -1.99 10.75 -4.83
HH12 MMO A 5 -0.60 9.86 -7.89
N TRP A 6 -0.32 8.86 -0.24
CA TRP A 6 0.28 8.27 0.96
C TRP A 6 -0.43 6.98 1.35
N PRO A 7 -0.39 6.00 0.44
CA PRO A 7 -1.03 4.69 0.67
C PRO A 7 -0.30 3.88 1.73
N ILE A 8 -0.66 2.60 1.84
CA ILE A 8 -0.06 1.72 2.82
C ILE A 8 0.46 0.43 2.16
N CYS A 9 1.35 -0.27 2.86
CA CYS A 9 1.92 -1.50 2.34
C CYS A 9 1.78 -2.63 3.37
N PHE A 10 1.44 -3.82 2.90
CA PHE A 10 1.28 -4.97 3.77
C PHE A 10 2.32 -6.03 3.47
N PRO A 11 2.55 -6.94 4.43
CA PRO A 11 3.53 -8.02 4.29
C PRO A 11 3.09 -9.07 3.27
N ASP A 12 1.82 -9.02 2.89
CA ASP A 12 1.27 -9.97 1.94
C ASP A 12 1.82 -9.70 0.53
N GLY A 13 1.68 -8.46 0.07
CA GLY A 13 2.16 -8.10 -1.24
C GLY A 13 1.24 -7.13 -1.95
N ARG A 14 0.76 -6.12 -1.22
CA ARG A 14 -0.14 -5.13 -1.78
C ARG A 14 0.28 -3.72 -1.38
N CYS A 1 0.21 -2.66 -1.95
CA CYS A 1 0.35 -1.24 -1.71
C CYS A 1 -0.79 -0.45 -2.35
N THR A 2 -1.04 0.74 -1.82
CA THR A 2 -2.12 1.59 -2.34
C THR A 2 -1.59 2.51 -3.44
N HIS A 3 -2.43 3.46 -3.85
CA HIS A 3 -2.05 4.41 -4.89
C HIS A 3 -2.92 5.67 -4.82
N DPN A 4 -2.31 6.76 -4.36
CA DPN A 4 -3.02 8.03 -4.25
C DPN A 4 -2.76 8.67 -2.88
O DPN A 4 -2.00 9.64 -2.78
CB DPN A 4 -2.59 8.98 -5.36
CG DPN A 4 -3.18 8.65 -6.70
CD1 DPN A 4 -4.53 8.81 -6.93
CD2 DPN A 4 -2.37 8.16 -7.72
CE1 DPN A 4 -5.07 8.49 -8.17
CE2 DPN A 4 -2.91 7.85 -8.95
CZ DPN A 4 -4.26 8.01 -9.18
H DPN A 4 -1.37 6.71 -4.11
HA DPN A 4 -4.07 7.83 -4.33
HB2 DPN A 4 -1.51 8.96 -5.45
HB3 DPN A 4 -2.90 9.98 -5.11
HD1 DPN A 4 -5.17 9.18 -6.15
HD2 DPN A 4 -1.31 8.04 -7.54
HE1 DPN A 4 -6.14 8.62 -8.34
HE2 DPN A 4 -2.28 7.48 -9.74
HZ DPN A 4 -4.69 7.76 -10.15
N MMO A 5 -3.39 8.12 -1.85
CA MMO A 5 -3.23 8.64 -0.49
C MMO A 5 -2.50 7.63 0.39
O MMO A 5 -2.50 6.42 0.10
CB MMO A 5 -4.59 8.97 0.11
CG MMO A 5 -5.51 9.74 -0.84
CD MMO A 5 -4.87 11.05 -1.28
NE MMO A 5 -4.47 11.88 -0.15
CZ MMO A 5 -3.65 12.92 -0.26
NH2 MMO A 5 -3.17 13.27 -1.45
NH1 MMO A 5 -3.33 13.62 0.82
CN MMO A 5 -4.27 6.97 -2.08
HA MMO A 5 -2.63 9.54 -0.55
HCB1 MMO A 5 -5.09 8.06 0.39
HCB2 MMO A 5 -4.44 9.58 0.99
HCG1 MMO A 5 -5.70 9.13 -1.71
HCG2 MMO A 5 -6.44 9.95 -0.33
HCD1 MMO A 5 -4.01 10.82 -1.89
HCD2 MMO A 5 -5.60 11.60 -1.87
HH21 MMO A 5 -3.42 12.75 -2.26
HH22 MMO A 5 -2.55 14.06 -1.52
HH11 MMO A 5 -3.69 13.36 1.71
HC1 MMO A 5 -3.69 6.15 -2.50
HC2 MMO A 5 -5.07 7.24 -2.76
HC3 MMO A 5 -4.71 6.65 -1.13
HE MMO A 5 -4.81 11.64 0.74
HH12 MMO A 5 -2.72 14.41 0.73
N TRP A 6 -1.90 8.12 1.47
CA TRP A 6 -1.17 7.25 2.39
C TRP A 6 -0.46 6.13 1.64
N PRO A 7 0.66 6.47 1.00
CA PRO A 7 1.46 5.50 0.24
C PRO A 7 2.18 4.49 1.14
N ILE A 8 1.63 3.29 1.19
CA ILE A 8 2.21 2.23 2.02
C ILE A 8 1.99 0.86 1.40
N CYS A 9 2.58 -0.17 2.00
CA CYS A 9 2.44 -1.53 1.51
C CYS A 9 1.86 -2.44 2.58
N PHE A 10 1.39 -3.61 2.16
CA PHE A 10 0.80 -4.57 3.09
C PHE A 10 1.75 -5.75 3.33
N PRO A 11 1.53 -6.48 4.43
CA PRO A 11 2.35 -7.63 4.80
C PRO A 11 2.14 -8.81 3.86
N ASP A 12 1.06 -8.77 3.09
CA ASP A 12 0.75 -9.84 2.15
C ASP A 12 1.32 -9.53 0.77
N GLY A 13 1.28 -8.26 0.39
CA GLY A 13 1.80 -7.85 -0.90
C GLY A 13 0.84 -6.94 -1.64
N ARG A 14 0.35 -5.90 -0.96
CA ARG A 14 -0.58 -4.95 -1.56
C ARG A 14 -0.29 -3.53 -1.06
N CYS A 1 0.89 -2.40 -2.25
CA CYS A 1 0.86 -0.95 -2.09
C CYS A 1 -0.45 -0.36 -2.64
N THR A 2 -1.03 0.56 -1.89
CA THR A 2 -2.28 1.19 -2.29
C THR A 2 -2.02 2.56 -2.91
N HIS A 3 -2.91 2.98 -3.81
CA HIS A 3 -2.78 4.27 -4.48
C HIS A 3 -3.31 5.39 -3.60
N DPN A 4 -3.46 6.57 -4.18
CA DPN A 4 -3.97 7.74 -3.45
C DPN A 4 -2.82 8.53 -2.84
O DPN A 4 -1.71 8.55 -3.37
CB DPN A 4 -4.79 8.63 -4.37
CG DPN A 4 -4.08 9.00 -5.64
CD1 DPN A 4 -4.43 8.41 -6.84
CD2 DPN A 4 -3.06 9.94 -5.64
CE1 DPN A 4 -3.78 8.74 -8.01
CE2 DPN A 4 -2.41 10.28 -6.80
CZ DPN A 4 -2.77 9.68 -7.99
H DPN A 4 -3.23 6.68 -5.12
HA DPN A 4 -4.59 7.37 -2.65
HB2 DPN A 4 -5.03 9.54 -3.86
HB3 DPN A 4 -5.70 8.11 -4.63
HD1 DPN A 4 -5.22 7.67 -6.86
HD2 DPN A 4 -2.79 10.41 -4.70
HE1 DPN A 4 -4.06 8.28 -8.94
HE2 DPN A 4 -1.62 11.01 -6.79
HZ DPN A 4 -2.25 9.94 -8.91
N MMO A 5 -3.10 9.19 -1.71
CA MMO A 5 -2.09 9.99 -1.03
C MMO A 5 -1.61 9.30 0.24
O MMO A 5 -1.25 9.96 1.22
CB MMO A 5 -2.65 11.38 -0.70
CG MMO A 5 -3.39 12.03 -1.86
CD MMO A 5 -3.48 13.53 -1.67
NE MMO A 5 -2.17 14.16 -1.56
CZ MMO A 5 -1.97 15.39 -1.10
NH2 MMO A 5 -3.01 16.13 -0.71
NH1 MMO A 5 -0.75 15.89 -1.04
CN MMO A 5 -4.45 9.11 -1.15
HA MMO A 5 -1.25 10.10 -1.69
HCB1 MMO A 5 -3.33 11.29 0.14
HCB2 MMO A 5 -1.82 12.02 -0.42
HCG1 MMO A 5 -2.85 11.82 -2.77
HCG2 MMO A 5 -4.38 11.62 -1.90
HCD1 MMO A 5 -3.99 13.95 -2.53
HCD2 MMO A 5 -4.05 13.74 -0.78
HH21 MMO A 5 -3.94 15.74 -0.77
HH22 MMO A 5 -2.86 17.05 -0.36
HH11 MMO A 5 0.03 15.34 -1.33
HC1 MMO A 5 -4.52 9.76 -0.28
HC2 MMO A 5 -4.66 8.08 -0.85
HC3 MMO A 5 -5.17 9.41 -1.90
HE MMO A 5 -1.39 13.64 -1.84
HH12 MMO A 5 -0.61 16.82 -0.68
N TRP A 6 -1.64 7.97 0.24
CA TRP A 6 -1.22 7.20 1.40
C TRP A 6 -0.39 5.99 0.97
N PRO A 7 0.90 6.21 0.73
CA PRO A 7 1.83 5.15 0.32
C PRO A 7 2.10 4.14 1.44
N ILE A 8 1.41 3.00 1.37
CA ILE A 8 1.58 1.97 2.38
C ILE A 8 1.43 0.58 1.77
N CYS A 9 2.30 -0.34 2.17
CA CYS A 9 2.26 -1.71 1.66
C CYS A 9 1.80 -2.68 2.74
N PHE A 10 1.07 -3.72 2.33
CA PHE A 10 0.58 -4.71 3.26
C PHE A 10 1.58 -5.85 3.44
N PRO A 11 1.43 -6.60 4.54
CA PRO A 11 2.32 -7.73 4.85
C PRO A 11 2.12 -8.90 3.90
N ASP A 12 1.08 -8.82 3.07
CA ASP A 12 0.77 -9.87 2.11
C ASP A 12 1.36 -9.54 0.74
N GLY A 13 1.41 -8.26 0.42
CA GLY A 13 1.95 -7.82 -0.86
C GLY A 13 0.99 -6.93 -1.62
N ARG A 14 0.97 -5.64 -1.27
CA ARG A 14 0.08 -4.69 -1.92
C ARG A 14 0.34 -3.28 -1.40
N CYS A 1 0.76 -2.57 -2.18
CA CYS A 1 0.84 -1.11 -2.12
C CYS A 1 -0.45 -0.48 -2.67
N THR A 2 -0.94 0.54 -1.97
CA THR A 2 -2.16 1.23 -2.38
C THR A 2 -1.84 2.55 -3.05
N HIS A 3 -2.82 3.13 -3.73
CA HIS A 3 -2.65 4.40 -4.41
C HIS A 3 -3.24 5.56 -3.60
N DPN A 4 -3.23 6.75 -4.17
CA DPN A 4 -3.75 7.92 -3.50
C DPN A 4 -2.63 8.71 -2.82
O DPN A 4 -1.48 8.65 -3.24
CB DPN A 4 -4.49 8.83 -4.50
CG DPN A 4 -5.98 8.77 -4.37
CD1 DPN A 4 -6.71 9.93 -4.13
CD2 DPN A 4 -6.66 7.57 -4.47
CE1 DPN A 4 -8.09 9.88 -4.02
CE2 DPN A 4 -8.03 7.51 -4.35
CZ DPN A 4 -8.75 8.67 -4.12
H DPN A 4 -2.86 6.84 -5.08
HA DPN A 4 -4.45 7.59 -2.75
HB2 DPN A 4 -4.23 8.52 -5.50
HB3 DPN A 4 -4.18 9.85 -4.35
HD1 DPN A 4 -6.20 10.88 -4.06
HD2 DPN A 4 -6.10 6.66 -4.64
HE1 DPN A 4 -8.65 10.79 -3.85
HE2 DPN A 4 -8.55 6.56 -4.42
HZ DPN A 4 -9.83 8.63 -4.03
N MMO A 5 -2.99 9.45 -1.77
CA MMO A 5 -2.02 10.24 -1.03
C MMO A 5 -1.60 9.54 0.25
O MMO A 5 -1.29 10.18 1.26
CB MMO A 5 -2.60 11.61 -0.70
CG MMO A 5 -1.54 12.67 -0.39
CD MMO A 5 -1.02 13.32 -1.67
NE MMO A 5 0.21 12.67 -2.14
CZ MMO A 5 0.84 13.02 -3.25
NH2 MMO A 5 0.37 14.02 -3.99
NH1 MMO A 5 1.95 12.40 -3.61
CN MMO A 5 -4.40 9.45 -1.35
HA MMO A 5 -1.15 10.37 -1.65
HCB1 MMO A 5 -3.19 11.96 -1.54
HCB2 MMO A 5 -3.25 11.52 0.17
HCG1 MMO A 5 -1.98 13.43 0.23
HCG2 MMO A 5 -0.72 12.20 0.13
HCD1 MMO A 5 -1.78 13.24 -2.44
HCD2 MMO A 5 -0.82 14.35 -1.46
HH21 MMO A 5 -0.46 14.50 -3.72
HH22 MMO A 5 0.86 14.29 -4.83
HH11 MMO A 5 2.30 11.65 -3.06
HC1 MMO A 5 -5.02 9.80 -2.17
HC2 MMO A 5 -4.52 10.13 -0.49
HC3 MMO A 5 -4.70 8.45 -1.06
HE MMO A 5 0.56 11.93 -1.60
HH12 MMO A 5 2.43 12.67 -4.45
N TRP A 6 -1.61 8.20 0.23
CA TRP A 6 -1.23 7.41 1.38
C TRP A 6 -0.60 6.09 0.96
N PRO A 7 0.69 6.14 0.57
CA PRO A 7 1.43 4.96 0.13
C PRO A 7 1.71 3.99 1.28
N ILE A 8 0.98 2.88 1.32
CA ILE A 8 1.16 1.88 2.36
C ILE A 8 1.18 0.48 1.77
N CYS A 9 2.12 -0.34 2.24
CA CYS A 9 2.25 -1.71 1.77
C CYS A 9 1.90 -2.70 2.87
N PHE A 10 1.21 -3.77 2.50
CA PHE A 10 0.80 -4.79 3.45
C PHE A 10 1.82 -5.93 3.49
N PRO A 11 1.78 -6.72 4.58
CA PRO A 11 2.69 -7.86 4.75
C PRO A 11 2.39 -9.00 3.78
N ASP A 12 1.28 -8.89 3.07
CA ASP A 12 0.88 -9.91 2.11
C ASP A 12 1.41 -9.59 0.72
N GLY A 13 1.36 -8.31 0.35
CA GLY A 13 1.83 -7.89 -0.96
C GLY A 13 0.86 -6.95 -1.66
N ARG A 14 0.71 -5.76 -1.11
CA ARG A 14 -0.20 -4.77 -1.68
C ARG A 14 0.20 -3.36 -1.26
N CYS A 1 0.14 -2.73 -1.44
CA CYS A 1 0.71 -1.43 -1.80
C CYS A 1 -0.30 -0.59 -2.58
N THR A 2 -0.68 0.54 -2.00
CA THR A 2 -1.64 1.44 -2.64
C THR A 2 -0.93 2.46 -3.52
N HIS A 3 -1.69 3.43 -4.02
CA HIS A 3 -1.14 4.48 -4.87
C HIS A 3 -2.09 5.65 -4.99
N DPN A 4 -1.69 6.80 -4.46
CA DPN A 4 -2.52 8.00 -4.51
C DPN A 4 -2.60 8.67 -3.14
O DPN A 4 -1.97 9.68 -2.89
CB DPN A 4 -1.96 8.99 -5.54
CG DPN A 4 -2.93 10.05 -5.94
CD1 DPN A 4 -2.72 11.38 -5.61
CD2 DPN A 4 -4.08 9.73 -6.66
CE1 DPN A 4 -3.62 12.36 -5.99
CE2 DPN A 4 -4.99 10.70 -7.04
CZ DPN A 4 -4.75 12.01 -6.70
H DPN A 4 -0.81 6.84 -4.03
HA DPN A 4 -3.51 7.70 -4.82
HB2 DPN A 4 -1.66 8.46 -6.42
HB3 DPN A 4 -1.09 9.49 -5.11
HD1 DPN A 4 -1.84 11.65 -5.05
HD2 DPN A 4 -4.26 8.69 -6.92
HE1 DPN A 4 -3.44 13.39 -5.72
HE2 DPN A 4 -5.87 10.43 -7.59
HZ DPN A 4 -5.46 12.78 -6.99
N MMO A 5 -3.40 8.07 -2.25
CA MMO A 5 -3.57 8.59 -0.90
C MMO A 5 -3.05 7.60 0.14
O MMO A 5 -3.35 6.41 0.06
CB MMO A 5 -5.04 8.91 -0.64
CG MMO A 5 -5.72 7.93 0.31
CD MMO A 5 -7.21 8.21 0.42
NE MMO A 5 -7.89 8.09 -0.87
CZ MMO A 5 -8.10 6.93 -1.48
NH2 MMO A 5 -7.68 5.80 -0.93
NH1 MMO A 5 -8.73 6.90 -2.65
CN MMO A 5 -4.11 6.84 -2.64
HA MMO A 5 -2.98 9.50 -0.83
HCB1 MMO A 5 -5.10 9.90 -0.21
HCB2 MMO A 5 -5.57 8.90 -1.58
HCG1 MMO A 5 -5.57 6.93 -0.07
HCG2 MMO A 5 -5.26 8.02 1.28
HCD1 MMO A 5 -7.64 7.50 1.12
HCD2 MMO A 5 -7.34 9.21 0.79
HH21 MMO A 5 -7.21 5.82 -0.04
HH22 MMO A 5 -7.84 4.92 -1.39
HH11 MMO A 5 -9.04 7.75 -3.07
HC1 MMO A 5 -3.40 6.07 -2.92
HC2 MMO A 5 -4.76 7.05 -3.48
HC3 MMO A 5 -4.70 6.49 -1.80
HE MMO A 5 -8.20 8.91 -1.29
HH12 MMO A 5 -8.89 6.03 -3.11
N TRP A 6 -2.30 8.11 1.11
CA TRP A 6 -1.75 7.26 2.17
C TRP A 6 -1.06 6.04 1.58
N PRO A 7 0.17 6.23 1.08
CA PRO A 7 0.96 5.15 0.49
C PRO A 7 1.44 4.14 1.52
N ILE A 8 0.71 3.06 1.66
CA ILE A 8 1.05 2.00 2.61
C ILE A 8 1.33 0.68 1.90
N CYS A 9 2.38 0.00 2.34
CA CYS A 9 2.75 -1.29 1.75
C CYS A 9 2.80 -2.38 2.80
N PHE A 10 2.12 -3.48 2.53
CA PHE A 10 2.07 -4.61 3.46
C PHE A 10 2.67 -5.86 2.83
N PRO A 11 3.07 -6.83 3.68
CA PRO A 11 3.66 -8.09 3.23
C PRO A 11 2.65 -8.98 2.53
N ASP A 12 1.38 -8.79 2.85
CA ASP A 12 0.31 -9.59 2.26
C ASP A 12 0.15 -9.25 0.77
N GLY A 13 0.48 -8.02 0.41
CA GLY A 13 0.36 -7.60 -0.97
C GLY A 13 -0.50 -6.37 -1.14
N ARG A 14 -0.48 -5.50 -0.14
CA ARG A 14 -1.27 -4.27 -0.17
C ARG A 14 -0.38 -3.05 -0.26
N CYS A 1 1.07 -2.44 -2.20
CA CYS A 1 0.97 -1.00 -2.08
C CYS A 1 -0.35 -0.50 -2.67
N THR A 2 -1.00 0.43 -1.96
CA THR A 2 -2.26 0.98 -2.43
C THR A 2 -2.03 2.28 -3.20
N HIS A 3 -3.12 2.98 -3.51
CA HIS A 3 -3.04 4.23 -4.25
C HIS A 3 -3.49 5.40 -3.38
N DPN A 4 -3.68 6.56 -4.01
CA DPN A 4 -4.11 7.75 -3.29
C DPN A 4 -2.91 8.54 -2.77
O DPN A 4 -1.83 8.52 -3.36
CB DPN A 4 -4.96 8.64 -4.20
CG DPN A 4 -4.29 8.97 -5.51
CD1 DPN A 4 -4.59 8.25 -6.65
CD2 DPN A 4 -3.37 10.00 -5.60
CE1 DPN A 4 -3.98 8.54 -7.86
CE2 DPN A 4 -2.76 10.30 -6.79
CZ DPN A 4 -3.07 9.56 -7.93
H DPN A 4 -3.53 6.61 -4.97
HA DPN A 4 -4.71 7.44 -2.45
HB2 DPN A 4 -5.16 9.57 -3.70
HB3 DPN A 4 -5.89 8.14 -4.42
HD1 DPN A 4 -5.31 7.44 -6.59
HD2 DPN A 4 -3.13 10.57 -4.71
HE1 DPN A 4 -4.22 7.96 -8.74
HE2 DPN A 4 -2.04 11.10 -6.85
HZ DPN A 4 -2.58 9.80 -8.86
N MMO A 5 -3.10 9.23 -1.65
CA MMO A 5 -2.04 10.02 -1.05
C MMO A 5 -1.51 9.35 0.22
O MMO A 5 -1.10 10.02 1.16
CB MMO A 5 -2.54 11.43 -0.72
CG MMO A 5 -3.27 12.09 -1.88
CD MMO A 5 -2.32 12.47 -3.00
NE MMO A 5 -2.97 13.27 -4.02
CZ MMO A 5 -2.31 14.03 -4.89
NH2 MMO A 5 -0.98 14.09 -4.86
NH1 MMO A 5 -2.97 14.74 -5.80
CN MMO A 5 -4.42 9.20 -1.01
HA MMO A 5 -1.23 10.09 -1.76
HCB1 MMO A 5 -3.21 11.37 0.12
HCB2 MMO A 5 -1.70 12.05 -0.45
HCG1 MMO A 5 -4.01 11.41 -2.27
HCG2 MMO A 5 -3.75 12.99 -1.51
HCD1 MMO A 5 -1.50 13.03 -2.58
HCD2 MMO A 5 -1.94 11.57 -3.44
HH21 MMO A 5 -0.48 13.56 -4.18
HH22 MMO A 5 -0.49 14.66 -5.51
HH11 MMO A 5 -3.97 14.70 -5.83
HC1 MMO A 5 -4.64 8.18 -0.66
HC2 MMO A 5 -5.18 9.51 -1.72
HC3 MMO A 5 -4.43 9.87 -0.15
HE MMO A 5 -3.95 13.25 -4.07
HH12 MMO A 5 -2.48 15.31 -6.45
N TRP A 6 -1.53 8.02 0.24
CA TRP A 6 -1.07 7.26 1.39
C TRP A 6 -0.27 6.04 0.94
N PRO A 7 1.03 6.24 0.69
CA PRO A 7 1.94 5.18 0.27
C PRO A 7 2.20 4.16 1.37
N ILE A 8 1.48 3.04 1.34
CA ILE A 8 1.64 2.00 2.34
C ILE A 8 1.46 0.62 1.71
N CYS A 9 2.32 -0.32 2.12
CA CYS A 9 2.26 -1.69 1.60
C CYS A 9 1.68 -2.63 2.65
N PHE A 10 0.99 -3.67 2.19
CA PHE A 10 0.40 -4.65 3.10
C PHE A 10 1.38 -5.79 3.39
N PRO A 11 1.12 -6.52 4.47
CA PRO A 11 1.96 -7.64 4.90
C PRO A 11 1.85 -8.83 3.95
N ASP A 12 0.90 -8.76 3.02
CA ASP A 12 0.70 -9.83 2.05
C ASP A 12 1.38 -9.52 0.74
N GLY A 13 1.57 -8.23 0.47
CA GLY A 13 2.22 -7.82 -0.76
C GLY A 13 1.33 -6.94 -1.62
N ARG A 14 1.14 -5.70 -1.18
CA ARG A 14 0.30 -4.75 -1.91
C ARG A 14 0.50 -3.34 -1.39
N CYS A 1 -0.82 -2.61 -1.57
CA CYS A 1 0.03 -1.44 -1.72
C CYS A 1 -0.71 -0.32 -2.45
N THR A 2 -0.81 0.84 -1.80
CA THR A 2 -1.49 1.98 -2.40
C THR A 2 -0.48 2.98 -2.97
N HIS A 3 -0.99 4.03 -3.60
CA HIS A 3 -0.15 5.06 -4.19
C HIS A 3 -0.81 6.43 -4.12
N DPN A 4 -2.02 6.53 -4.68
CA DPN A 4 -2.76 7.78 -4.66
C DPN A 4 -2.82 8.37 -3.25
O DPN A 4 -2.14 9.35 -2.95
CB DPN A 4 -2.12 8.79 -5.62
CG DPN A 4 -2.74 8.79 -6.99
CD1 DPN A 4 -3.96 9.41 -7.21
CD2 DPN A 4 -2.10 8.17 -8.05
CE1 DPN A 4 -4.53 9.42 -8.47
CE2 DPN A 4 -2.67 8.17 -9.31
CZ DPN A 4 -3.88 8.79 -9.52
H DPN A 4 -2.42 5.74 -5.10
HA DPN A 4 -3.77 7.57 -4.99
HB2 DPN A 4 -1.08 8.55 -5.73
HB3 DPN A 4 -2.22 9.78 -5.20
HD1 DPN A 4 -4.46 9.90 -6.39
HD2 DPN A 4 -1.16 7.69 -7.89
HE1 DPN A 4 -5.48 9.91 -8.63
HE2 DPN A 4 -2.16 7.68 -10.13
HZ DPN A 4 -4.33 8.80 -10.51
N MMO A 5 -3.65 7.77 -2.40
CA MMO A 5 -3.79 8.23 -1.03
C MMO A 5 -3.19 7.22 -0.05
O MMO A 5 -3.13 6.03 -0.33
CB MMO A 5 -5.26 8.46 -0.70
CG MMO A 5 -6.04 9.17 -1.80
CD MMO A 5 -6.85 10.33 -1.26
NE MMO A 5 -8.23 9.96 -0.99
CZ MMO A 5 -9.22 10.84 -0.89
NH2 MMO A 5 -8.98 12.14 -1.04
NH1 MMO A 5 -10.46 10.42 -0.65
CN MMO A 5 -4.42 6.61 -2.86
HA MMO A 5 -3.26 9.17 -0.93
HCB1 MMO A 5 -5.74 7.50 -0.53
HCB2 MMO A 5 -5.34 9.05 0.20
HCG1 MMO A 5 -5.33 9.54 -2.53
HCG2 MMO A 5 -6.70 8.46 -2.27
HCD1 MMO A 5 -6.39 10.67 -0.34
HCD2 MMO A 5 -6.83 11.13 -1.99
HH21 MMO A 5 -8.05 12.45 -1.23
HH22 MMO A 5 -9.73 12.79 -0.97
HH11 MMO A 5 -10.64 9.44 -0.53
HC1 MMO A 5 -5.07 6.89 -3.69
HC2 MMO A 5 -5.04 6.24 -2.03
HC3 MMO A 5 -3.75 5.81 -3.19
HE MMO A 5 -8.43 9.00 -0.88
HH12 MMO A 5 -11.20 11.08 -0.57
N TRP A 6 -2.76 7.72 1.11
CA TRP A 6 -2.16 6.86 2.12
C TRP A 6 -1.32 5.75 1.49
N PRO A 7 -0.24 6.15 0.82
CA PRO A 7 0.67 5.20 0.16
C PRO A 7 1.46 4.36 1.15
N ILE A 8 1.13 3.08 1.22
CA ILE A 8 1.82 2.16 2.14
C ILE A 8 1.99 0.79 1.51
N CYS A 9 2.77 -0.06 2.16
CA CYS A 9 3.02 -1.41 1.67
C CYS A 9 2.93 -2.43 2.80
N PHE A 10 2.31 -3.57 2.52
CA PHE A 10 2.16 -4.62 3.51
C PHE A 10 2.76 -5.93 3.02
N PRO A 11 3.05 -6.84 3.95
CA PRO A 11 3.63 -8.15 3.63
C PRO A 11 2.65 -9.07 2.91
N ASP A 12 1.37 -8.70 2.95
CA ASP A 12 0.34 -9.48 2.30
C ASP A 12 0.33 -9.24 0.80
N GLY A 13 0.43 -7.97 0.41
CA GLY A 13 0.43 -7.62 -0.99
C GLY A 13 -0.22 -6.28 -1.26
N ARG A 14 -1.10 -5.86 -0.36
CA ARG A 14 -1.80 -4.58 -0.50
C ARG A 14 -0.81 -3.43 -0.49
N CYS A 1 0.93 -2.37 -2.25
CA CYS A 1 0.96 -0.92 -2.06
C CYS A 1 -0.30 -0.27 -2.63
N THR A 2 -0.94 0.57 -1.82
CA THR A 2 -2.15 1.25 -2.25
C THR A 2 -1.84 2.59 -2.92
N HIS A 3 -2.82 3.15 -3.61
CA HIS A 3 -2.64 4.42 -4.29
C HIS A 3 -3.16 5.58 -3.43
N DPN A 4 -3.27 6.75 -4.03
CA DPN A 4 -3.76 7.94 -3.33
C DPN A 4 -2.60 8.76 -2.79
O DPN A 4 -1.52 8.79 -3.37
CB DPN A 4 -4.62 8.79 -4.26
CG DPN A 4 -3.96 9.13 -5.55
CD1 DPN A 4 -4.18 8.35 -6.68
CD2 DPN A 4 -3.11 10.22 -5.65
CE1 DPN A 4 -3.56 8.67 -7.89
CE2 DPN A 4 -2.49 10.53 -6.84
CZ DPN A 4 -2.72 9.76 -7.97
H DPN A 4 -3.01 6.84 -4.98
HA DPN A 4 -4.36 7.60 -2.50
HB2 DPN A 4 -4.88 9.71 -3.76
HB3 DPN A 4 -5.54 8.24 -4.48
HD1 DPN A 4 -4.84 7.51 -6.63
HD2 DPN A 4 -2.93 10.83 -4.77
HE1 DPN A 4 -3.74 8.06 -8.76
HE2 DPN A 4 -1.83 11.39 -6.90
HZ DPN A 4 -2.23 10.01 -8.90
N MMO A 5 -2.84 9.45 -1.67
CA MMO A 5 -1.81 10.28 -1.06
C MMO A 5 -1.25 9.61 0.20
O MMO A 5 -0.72 10.28 1.09
CB MMO A 5 -2.39 11.65 -0.69
CG MMO A 5 -3.15 12.31 -1.83
CD MMO A 5 -2.20 12.81 -2.91
NE MMO A 5 -1.30 13.84 -2.42
CZ MMO A 5 -0.24 14.28 -3.10
NH2 MMO A 5 0.03 13.79 -4.29
NH1 MMO A 5 0.54 15.22 -2.57
CN MMO A 5 -4.17 9.36 -1.05
HA MMO A 5 -1.01 10.41 -1.77
HCB1 MMO A 5 -3.08 11.53 0.14
HCB2 MMO A 5 -1.58 12.30 -0.40
HCG1 MMO A 5 -3.83 11.60 -2.26
HCG2 MMO A 5 -3.71 13.15 -1.44
HCD1 MMO A 5 -1.62 11.97 -3.28
HCD2 MMO A 5 -2.79 13.22 -3.72
HH21 MMO A 5 -0.56 13.08 -4.69
HH22 MMO A 5 0.83 14.12 -4.80
HH11 MMO A 5 0.34 15.60 -1.67
HC1 MMO A 5 -4.21 10.03 -0.19
HC2 MMO A 5 -4.34 8.33 -0.72
HC3 MMO A 5 -4.93 9.64 -1.76
HE MMO A 5 -1.48 14.22 -1.53
HH12 MMO A 5 1.33 15.55 -3.09
N TRP A 6 -1.35 8.29 0.25
CA TRP A 6 -0.85 7.52 1.38
C TRP A 6 -0.69 6.05 1.02
N PRO A 7 0.25 5.76 0.12
CA PRO A 7 0.54 4.39 -0.32
C PRO A 7 1.17 3.54 0.77
N ILE A 8 0.40 2.59 1.30
CA ILE A 8 0.90 1.71 2.35
C ILE A 8 1.09 0.28 1.84
N CYS A 9 2.20 -0.34 2.22
CA CYS A 9 2.49 -1.70 1.80
C CYS A 9 2.15 -2.70 2.91
N PHE A 10 1.32 -3.68 2.57
CA PHE A 10 0.92 -4.70 3.54
C PHE A 10 1.87 -5.89 3.52
N PRO A 11 1.87 -6.68 4.60
CA PRO A 11 2.73 -7.86 4.71
C PRO A 11 2.32 -8.98 3.77
N ASP A 12 1.17 -8.81 3.12
CA ASP A 12 0.66 -9.80 2.18
C ASP A 12 1.18 -9.53 0.77
N GLY A 13 1.34 -8.25 0.44
CA GLY A 13 1.81 -7.88 -0.88
C GLY A 13 0.86 -6.93 -1.59
N ARG A 14 0.96 -5.64 -1.28
CA ARG A 14 0.11 -4.64 -1.90
C ARG A 14 0.45 -3.24 -1.38
#